data_5Y5Q
#
_entry.id   5Y5Q
#
_cell.length_a   59.574
_cell.length_b   75.527
_cell.length_c   113.321
_cell.angle_alpha   90.00
_cell.angle_beta   90.00
_cell.angle_gamma   90.00
#
_symmetry.space_group_name_H-M   'P 21 21 21'
#
loop_
_entity.id
_entity.type
_entity.pdbx_description
1 polymer Wsv112
2 non-polymer "DEOXYURIDINE-5'-TRIPHOSPHATE"
3 non-polymer 'MAGNESIUM ION'
4 water water
#
_entity_poly.entity_id   1
_entity_poly.type   'polypeptide(L)'
_entity_poly.pdbx_seq_one_letter_code
;SNAMDSSASVVFMRFAPPGEETALPPRRATPGSVAYDLFPSEEMDIEPMGLAKISTGYGIDKFPDGCYGQIVSRSGMTWK
NNTSVPTGTINVDYRGELKVILRNHSAEKSVPIRKGTSIAQLIFLRYCDVEEEQIVYINETTGERTIIDSSSKKDNKNQA
ESVRGTGGFGSTDN
;
_entity_poly.pdbx_strand_id   A,B,C
#
loop_
_chem_comp.id
_chem_comp.type
_chem_comp.name
_chem_comp.formula
DUT non-polymer DEOXYURIDINE-5'-TRIPHOSPHATE 'C9 H15 N2 O14 P3'
MG non-polymer 'MAGNESIUM ION' 'Mg 2'
#
# COMPACT_ATOMS: atom_id res chain seq x y z
N SER A 6 -16.64 -3.44 -20.09
CA SER A 6 -15.99 -2.44 -19.25
C SER A 6 -14.98 -3.04 -18.24
N SER A 7 -14.62 -4.32 -18.42
CA SER A 7 -13.66 -5.04 -17.57
C SER A 7 -12.25 -4.44 -17.62
N ALA A 8 -11.88 -3.79 -18.73
CA ALA A 8 -10.54 -3.19 -18.77
C ALA A 8 -10.59 -1.81 -19.40
N SER A 9 -11.63 -1.02 -19.06
CA SER A 9 -11.76 0.32 -19.61
C SER A 9 -11.88 1.38 -18.51
N VAL A 10 -11.35 2.56 -18.77
CA VAL A 10 -11.40 3.67 -17.85
C VAL A 10 -11.84 4.89 -18.64
N VAL A 11 -12.53 5.80 -17.97
CA VAL A 11 -12.89 7.08 -18.54
C VAL A 11 -12.45 8.14 -17.54
N PHE A 12 -11.55 9.04 -17.97
CA PHE A 12 -11.14 10.18 -17.15
C PHE A 12 -12.00 11.37 -17.56
N MET A 13 -12.38 12.22 -16.59
CA MET A 13 -13.11 13.44 -16.87
C MET A 13 -12.18 14.65 -16.66
N ARG A 14 -11.98 15.44 -17.72
CA ARG A 14 -11.15 16.64 -17.71
C ARG A 14 -12.03 17.78 -17.17
N PHE A 15 -11.57 18.43 -16.09
CA PHE A 15 -12.34 19.49 -15.43
C PHE A 15 -12.36 20.82 -16.17
N ALA A 16 -11.29 21.13 -16.93
CA ALA A 16 -11.18 22.38 -17.69
C ALA A 16 -11.90 22.31 -19.03
N PRO A 17 -12.60 23.40 -19.46
CA PRO A 17 -13.27 23.37 -20.77
C PRO A 17 -12.30 23.08 -21.93
N PRO A 18 -12.76 22.39 -23.02
CA PRO A 18 -11.83 22.03 -24.13
C PRO A 18 -10.94 23.13 -24.73
N GLY A 19 -11.31 24.40 -24.58
CA GLY A 19 -10.51 25.50 -25.10
C GLY A 19 -9.48 26.08 -24.14
N GLU A 20 -9.50 25.61 -22.87
CA GLU A 20 -8.67 26.11 -21.79
C GLU A 20 -7.44 25.23 -21.46
N GLU A 21 -6.31 25.89 -21.13
CA GLU A 21 -5.05 25.25 -20.75
C GLU A 21 -5.20 24.54 -19.41
N THR A 22 -4.77 23.27 -19.34
CA THR A 22 -4.85 22.50 -18.10
C THR A 22 -3.67 21.55 -17.96
N ALA A 23 -3.74 20.68 -16.94
CA ALA A 23 -2.71 19.69 -16.70
C ALA A 23 -2.61 18.69 -17.85
N LEU A 24 -1.43 18.09 -17.99
CA LEU A 24 -1.20 17.02 -18.94
C LEU A 24 -2.05 15.83 -18.48
N PRO A 25 -2.62 15.05 -19.43
CA PRO A 25 -3.52 13.95 -19.01
C PRO A 25 -2.81 12.80 -18.35
N PRO A 26 -3.53 12.02 -17.54
CA PRO A 26 -2.92 10.83 -16.92
C PRO A 26 -2.42 9.92 -18.03
N ARG A 27 -1.18 9.43 -17.89
CA ARG A 27 -0.60 8.61 -18.94
C ARG A 27 0.35 7.57 -18.39
N ARG A 28 0.24 6.32 -18.91
CA ARG A 28 1.18 5.26 -18.57
C ARG A 28 2.43 5.48 -19.43
N ALA A 29 3.61 5.43 -18.82
CA ALA A 29 4.89 5.72 -19.50
C ALA A 29 5.28 4.67 -20.52
N THR A 30 5.00 3.38 -20.23
CA THR A 30 5.39 2.25 -21.10
C THR A 30 4.29 1.18 -21.10
N PRO A 31 4.32 0.19 -22.04
CA PRO A 31 3.32 -0.87 -22.01
C PRO A 31 3.33 -1.71 -20.73
N GLY A 32 4.47 -1.76 -20.03
CA GLY A 32 4.54 -2.50 -18.77
C GLY A 32 4.34 -1.65 -17.52
N SER A 33 4.07 -0.33 -17.69
CA SER A 33 3.81 0.56 -16.56
C SER A 33 2.43 0.22 -16.00
N VAL A 34 2.35 -0.04 -14.69
CA VAL A 34 1.10 -0.43 -14.10
C VAL A 34 0.22 0.77 -13.71
N ALA A 35 0.79 1.97 -13.66
CA ALA A 35 0.09 3.15 -13.17
C ALA A 35 0.13 4.29 -14.16
N TYR A 36 -0.86 5.19 -14.06
CA TYR A 36 -0.93 6.40 -14.89
C TYR A 36 -0.22 7.52 -14.15
N ASP A 37 0.80 8.14 -14.78
CA ASP A 37 1.48 9.28 -14.20
C ASP A 37 0.49 10.45 -14.18
N LEU A 38 0.42 11.17 -13.06
CA LEU A 38 -0.46 12.32 -12.86
C LEU A 38 0.35 13.58 -12.87
N PHE A 39 -0.22 14.63 -13.44
CA PHE A 39 0.45 15.92 -13.61
C PHE A 39 -0.28 17.06 -12.92
N PRO A 40 0.45 18.11 -12.51
CA PRO A 40 -0.21 19.25 -11.85
C PRO A 40 -0.85 20.24 -12.82
N SER A 41 -1.98 20.82 -12.42
CA SER A 41 -2.66 21.88 -13.20
C SER A 41 -1.93 23.22 -13.02
N GLU A 42 -1.32 23.40 -11.84
CA GLU A 42 -0.69 24.67 -11.44
C GLU A 42 0.67 24.42 -10.81
N GLU A 43 1.57 25.39 -10.95
CA GLU A 43 2.91 25.24 -10.39
C GLU A 43 3.02 25.81 -8.99
N MET A 44 3.98 25.31 -8.21
CA MET A 44 4.23 25.81 -6.86
C MET A 44 5.56 25.27 -6.38
N ASP A 45 6.03 25.79 -5.25
CA ASP A 45 7.22 25.27 -4.59
C ASP A 45 6.78 24.85 -3.18
N ILE A 46 6.91 23.57 -2.86
CA ILE A 46 6.53 23.08 -1.52
C ILE A 46 7.67 23.39 -0.56
N GLU A 47 7.42 24.23 0.43
CA GLU A 47 8.43 24.59 1.41
C GLU A 47 8.97 23.37 2.21
N PRO A 48 10.18 23.49 2.80
CA PRO A 48 10.72 22.40 3.64
C PRO A 48 9.72 21.98 4.72
N MET A 49 9.54 20.66 4.87
CA MET A 49 8.62 20.03 5.84
C MET A 49 7.14 20.33 5.50
N GLY A 50 6.88 20.93 4.33
CA GLY A 50 5.52 21.29 3.92
C GLY A 50 4.68 20.12 3.42
N LEU A 51 3.37 20.35 3.35
CA LEU A 51 2.42 19.35 2.83
C LEU A 51 1.54 20.12 1.86
N ALA A 52 1.42 19.63 0.62
CA ALA A 52 0.63 20.31 -0.42
C ALA A 52 -0.48 19.42 -0.92
N LYS A 53 -1.61 20.05 -1.32
CA LYS A 53 -2.74 19.35 -1.94
C LYS A 53 -2.78 19.95 -3.36
N ILE A 54 -2.42 19.15 -4.35
CA ILE A 54 -2.21 19.58 -5.73
C ILE A 54 -3.29 19.10 -6.67
N SER A 55 -3.96 20.03 -7.38
CA SER A 55 -4.95 19.60 -8.36
C SER A 55 -4.27 18.97 -9.60
N THR A 56 -4.85 17.88 -10.13
CA THR A 56 -4.31 17.17 -11.28
C THR A 56 -5.06 17.48 -12.59
N GLY A 57 -6.20 18.15 -12.50
CA GLY A 57 -7.02 18.50 -13.65
C GLY A 57 -8.03 17.47 -14.11
N TYR A 58 -8.03 16.27 -13.51
CA TYR A 58 -8.91 15.18 -13.95
C TYR A 58 -9.57 14.42 -12.81
N GLY A 59 -10.75 13.91 -13.08
CA GLY A 59 -11.46 12.99 -12.21
C GLY A 59 -11.56 11.66 -12.92
N ILE A 60 -12.16 10.67 -12.27
CA ILE A 60 -12.39 9.37 -12.89
C ILE A 60 -13.91 9.25 -13.08
N ASP A 61 -14.37 9.29 -14.32
CA ASP A 61 -15.80 9.15 -14.63
C ASP A 61 -16.24 7.70 -14.53
N LYS A 62 -15.40 6.75 -14.99
CA LYS A 62 -15.69 5.34 -14.99
C LYS A 62 -14.46 4.55 -14.63
N PHE A 63 -14.60 3.67 -13.65
CA PHE A 63 -13.52 2.80 -13.19
C PHE A 63 -13.63 1.45 -13.90
N PRO A 64 -12.49 0.74 -14.05
CA PRO A 64 -12.58 -0.65 -14.58
C PRO A 64 -13.36 -1.49 -13.57
N ASP A 65 -14.11 -2.49 -14.05
CA ASP A 65 -14.91 -3.38 -13.20
C ASP A 65 -14.10 -3.95 -12.04
N GLY A 66 -14.68 -3.86 -10.84
CA GLY A 66 -14.10 -4.40 -9.62
C GLY A 66 -12.83 -3.74 -9.13
N CYS A 67 -12.52 -2.55 -9.65
CA CYS A 67 -11.31 -1.79 -9.29
C CYS A 67 -11.65 -0.45 -8.69
N TYR A 68 -10.69 0.09 -7.92
CA TYR A 68 -10.79 1.47 -7.47
C TYR A 68 -9.46 2.13 -7.86
N GLY A 69 -9.31 3.41 -7.61
CA GLY A 69 -8.06 4.09 -7.94
C GLY A 69 -7.24 4.38 -6.70
N GLN A 70 -5.98 3.99 -6.73
CA GLN A 70 -5.07 4.31 -5.61
C GLN A 70 -3.94 5.16 -6.14
N ILE A 71 -3.79 6.38 -5.56
CA ILE A 71 -2.68 7.27 -5.91
C ILE A 71 -1.51 6.87 -5.01
N VAL A 72 -0.39 6.59 -5.63
CA VAL A 72 0.84 6.23 -4.90
C VAL A 72 1.98 7.10 -5.41
N SER A 73 3.06 7.13 -4.65
CA SER A 73 4.22 7.88 -5.06
C SER A 73 4.94 7.25 -6.26
N ARG A 74 5.67 8.10 -6.97
CA ARG A 74 6.61 7.67 -8.04
C ARG A 74 8.01 7.55 -7.37
N SER A 75 8.82 6.60 -7.81
CA SER A 75 10.16 6.44 -7.22
C SER A 75 11.02 7.69 -7.38
N GLY A 76 11.04 8.29 -8.58
CA GLY A 76 11.87 9.48 -8.84
C GLY A 76 11.52 10.66 -7.95
N MET A 77 10.24 11.02 -7.91
CA MET A 77 9.78 12.15 -7.09
C MET A 77 10.12 11.89 -5.60
N THR A 78 9.97 10.63 -5.16
CA THR A 78 10.28 10.29 -3.77
C THR A 78 11.77 10.45 -3.46
N TRP A 79 12.61 9.85 -4.30
CA TRP A 79 14.04 9.81 -4.08
C TRP A 79 14.74 11.15 -4.37
N LYS A 80 14.51 11.70 -5.57
CA LYS A 80 15.18 12.93 -5.99
C LYS A 80 14.78 14.14 -5.15
N ASN A 81 13.47 14.19 -4.77
CA ASN A 81 12.96 15.34 -4.04
C ASN A 81 12.64 15.08 -2.57
N ASN A 82 12.97 13.88 -2.03
CA ASN A 82 12.77 13.56 -0.61
C ASN A 82 11.33 13.82 -0.21
N THR A 83 10.40 13.14 -0.90
CA THR A 83 8.98 13.36 -0.68
C THR A 83 8.27 12.04 -0.37
N SER A 84 6.97 12.13 -0.12
CA SER A 84 6.09 10.98 -0.02
C SER A 84 4.70 11.41 -0.48
N VAL A 85 3.82 10.42 -0.74
CA VAL A 85 2.40 10.69 -1.12
C VAL A 85 1.63 9.93 -0.02
N PRO A 86 1.32 10.62 1.09
CA PRO A 86 0.85 9.92 2.30
C PRO A 86 -0.56 9.41 2.27
N THR A 87 -1.36 9.72 1.23
CA THR A 87 -2.73 9.21 1.13
C THR A 87 -3.08 9.15 -0.35
N GLY A 88 -4.12 8.40 -0.70
CA GLY A 88 -4.48 8.35 -2.11
C GLY A 88 -5.60 7.42 -2.49
N THR A 89 -6.54 7.15 -1.56
CA THR A 89 -7.60 6.20 -1.88
C THR A 89 -8.75 6.93 -2.55
N ILE A 90 -9.06 6.53 -3.81
CA ILE A 90 -10.14 7.17 -4.55
C ILE A 90 -11.37 6.24 -4.56
N ASN A 91 -12.44 6.65 -3.88
CA ASN A 91 -13.68 5.88 -3.82
C ASN A 91 -14.38 5.83 -5.18
N VAL A 92 -15.13 4.75 -5.43
CA VAL A 92 -15.72 4.53 -6.74
C VAL A 92 -16.97 5.41 -6.98
N ASP A 93 -17.43 6.14 -5.96
CA ASP A 93 -18.55 7.08 -6.12
C ASP A 93 -18.03 8.53 -6.12
N TYR A 94 -16.68 8.71 -6.18
CA TYR A 94 -16.10 10.05 -6.19
C TYR A 94 -16.23 10.70 -7.55
N ARG A 95 -16.92 11.85 -7.58
CA ARG A 95 -17.16 12.61 -8.81
C ARG A 95 -16.31 13.88 -8.90
N GLY A 96 -15.39 14.06 -7.94
CA GLY A 96 -14.55 15.24 -7.94
C GLY A 96 -13.25 15.08 -8.69
N GLU A 97 -12.43 16.12 -8.59
CA GLU A 97 -11.12 16.17 -9.21
C GLU A 97 -10.12 15.40 -8.33
N LEU A 98 -9.21 14.65 -8.96
CA LEU A 98 -8.18 13.96 -8.16
C LEU A 98 -7.18 15.01 -7.67
N LYS A 99 -6.82 14.94 -6.39
CA LYS A 99 -5.83 15.81 -5.79
C LYS A 99 -4.69 14.91 -5.30
N VAL A 100 -3.46 15.36 -5.51
CA VAL A 100 -2.28 14.63 -5.03
C VAL A 100 -1.85 15.32 -3.75
N ILE A 101 -1.71 14.54 -2.66
CA ILE A 101 -1.22 15.09 -1.41
C ILE A 101 0.25 14.69 -1.33
N LEU A 102 1.16 15.68 -1.37
CA LEU A 102 2.59 15.44 -1.43
C LEU A 102 3.27 16.11 -0.25
N ARG A 103 4.08 15.33 0.47
CA ARG A 103 4.78 15.80 1.66
C ARG A 103 6.25 15.98 1.34
N ASN A 104 6.84 17.11 1.77
CA ASN A 104 8.25 17.37 1.62
C ASN A 104 8.92 17.00 2.95
N HIS A 105 9.88 16.06 2.92
CA HIS A 105 10.56 15.62 4.13
C HIS A 105 11.90 16.31 4.38
N SER A 106 12.28 17.23 3.49
CA SER A 106 13.54 17.95 3.64
C SER A 106 13.39 19.07 4.65
N ALA A 107 14.41 19.26 5.50
CA ALA A 107 14.38 20.34 6.46
C ALA A 107 14.91 21.64 5.82
N GLU A 108 15.50 21.54 4.61
CA GLU A 108 16.16 22.68 3.99
C GLU A 108 15.74 23.01 2.55
N LYS A 109 15.41 21.99 1.76
CA LYS A 109 15.11 22.18 0.34
C LYS A 109 13.61 22.21 0.04
N SER A 110 13.23 23.05 -0.93
CA SER A 110 11.84 23.11 -1.37
C SER A 110 11.65 22.15 -2.53
N VAL A 111 10.41 21.71 -2.77
CA VAL A 111 10.08 20.80 -3.86
C VAL A 111 9.42 21.55 -5.01
N PRO A 112 10.02 21.55 -6.21
CA PRO A 112 9.39 22.24 -7.33
C PRO A 112 8.27 21.41 -7.98
N ILE A 113 7.07 21.98 -8.10
CA ILE A 113 5.93 21.34 -8.75
C ILE A 113 5.80 22.06 -10.10
N ARG A 114 5.95 21.31 -11.21
CA ARG A 114 5.97 21.90 -12.55
C ARG A 114 5.07 21.14 -13.49
N LYS A 115 4.39 21.86 -14.41
CA LYS A 115 3.42 21.31 -15.35
C LYS A 115 3.87 20.06 -16.15
N GLY A 116 5.12 20.01 -16.59
CA GLY A 116 5.59 18.88 -17.40
C GLY A 116 6.18 17.71 -16.66
N THR A 117 6.19 17.76 -15.31
CA THR A 117 6.78 16.70 -14.51
C THR A 117 5.71 16.05 -13.63
N SER A 118 5.46 14.75 -13.85
CA SER A 118 4.49 14.02 -13.05
C SER A 118 4.90 13.93 -11.58
N ILE A 119 3.88 14.06 -10.69
CA ILE A 119 4.11 14.12 -9.22
C ILE A 119 3.74 12.88 -8.45
N ALA A 120 3.02 11.94 -9.07
CA ALA A 120 2.53 10.71 -8.41
C ALA A 120 1.89 9.87 -9.52
N GLN A 121 1.42 8.68 -9.14
CA GLN A 121 0.85 7.82 -10.18
C GLN A 121 -0.37 7.09 -9.65
N LEU A 122 -1.29 6.74 -10.55
CA LEU A 122 -2.58 6.17 -10.19
C LEU A 122 -2.69 4.72 -10.68
N ILE A 123 -2.95 3.79 -9.73
CA ILE A 123 -3.10 2.38 -10.09
C ILE A 123 -4.54 1.98 -9.89
N PHE A 124 -5.07 1.15 -10.82
CA PHE A 124 -6.40 0.60 -10.70
C PHE A 124 -6.26 -0.77 -10.06
N LEU A 125 -6.45 -0.82 -8.73
CA LEU A 125 -6.31 -2.03 -7.94
C LEU A 125 -7.62 -2.77 -7.82
N ARG A 126 -7.54 -4.12 -7.82
CA ARG A 126 -8.75 -4.91 -7.63
C ARG A 126 -9.01 -5.03 -6.13
N TYR A 127 -10.26 -4.80 -5.73
CA TYR A 127 -10.64 -4.88 -4.34
C TYR A 127 -11.96 -5.64 -4.21
N CYS A 128 -12.30 -6.02 -2.98
CA CYS A 128 -13.57 -6.65 -2.73
C CYS A 128 -14.55 -5.60 -2.26
N ASP A 129 -15.66 -5.43 -3.01
CA ASP A 129 -16.77 -4.59 -2.59
C ASP A 129 -17.64 -5.54 -1.74
N VAL A 130 -17.41 -5.53 -0.42
CA VAL A 130 -18.06 -6.45 0.53
C VAL A 130 -19.59 -6.33 0.43
N GLU A 131 -20.29 -7.49 0.34
CA GLU A 131 -21.73 -7.56 0.25
C GLU A 131 -22.38 -8.00 1.56
N GLU A 132 -21.65 -8.74 2.40
CA GLU A 132 -22.17 -9.24 3.69
C GLU A 132 -21.11 -9.03 4.76
N GLU A 133 -21.50 -8.43 5.87
CA GLU A 133 -20.57 -8.18 6.98
C GLU A 133 -21.22 -8.47 8.30
N GLN A 134 -20.41 -9.00 9.20
CA GLN A 134 -20.84 -9.38 10.53
C GLN A 134 -19.79 -8.94 11.53
N ILE A 135 -20.24 -8.60 12.73
CA ILE A 135 -19.39 -8.33 13.87
C ILE A 135 -19.71 -9.43 14.88
N VAL A 136 -18.66 -10.18 15.31
CA VAL A 136 -18.89 -11.26 16.27
C VAL A 136 -18.02 -11.09 17.50
N TYR A 137 -18.48 -11.64 18.64
CA TYR A 137 -17.67 -11.72 19.84
C TYR A 137 -17.36 -13.22 20.01
N ILE A 138 -16.09 -13.58 20.11
CA ILE A 138 -15.69 -14.99 20.29
C ILE A 138 -15.20 -15.20 21.72
N ASN A 139 -15.88 -16.11 22.45
CA ASN A 139 -15.51 -16.44 23.82
C ASN A 139 -14.26 -17.34 23.72
N GLU A 140 -13.13 -16.86 24.28
CA GLU A 140 -11.84 -17.58 24.26
C GLU A 140 -11.83 -18.87 25.07
N THR A 141 -12.72 -19.00 26.08
CA THR A 141 -12.75 -20.22 26.91
C THR A 141 -13.65 -21.29 26.30
N THR A 142 -14.87 -20.91 25.89
CA THR A 142 -15.85 -21.90 25.41
C THR A 142 -15.89 -22.03 23.89
N GLY A 143 -15.41 -21.01 23.19
CA GLY A 143 -15.45 -20.99 21.73
C GLY A 143 -16.77 -20.44 21.22
N GLU A 144 -17.66 -20.02 22.15
CA GLU A 144 -18.96 -19.49 21.76
C GLU A 144 -18.86 -18.23 20.90
N ARG A 145 -19.64 -18.21 19.81
CA ARG A 145 -19.65 -17.02 18.95
C ARG A 145 -20.98 -16.32 19.15
N THR A 146 -20.92 -15.01 19.41
CA THR A 146 -22.13 -14.20 19.57
C THR A 146 -22.13 -13.17 18.44
N ILE A 147 -23.19 -13.18 17.61
CA ILE A 147 -23.28 -12.20 16.53
C ILE A 147 -23.75 -10.89 17.19
N ILE A 148 -22.92 -9.84 17.08
CA ILE A 148 -23.22 -8.49 17.62
C ILE A 148 -24.08 -7.71 16.63
N ASP A 149 -23.68 -7.73 15.36
CA ASP A 149 -24.36 -7.01 14.29
C ASP A 149 -24.09 -7.71 12.97
N SER A 150 -25.00 -7.53 12.02
CA SER A 150 -24.95 -8.14 10.71
C SER A 150 -25.54 -7.12 9.74
N SER A 151 -24.92 -6.95 8.57
CA SER A 151 -25.49 -6.07 7.54
C SER A 151 -25.18 -6.57 6.14
N SER A 152 -26.17 -6.49 5.27
CA SER A 152 -26.15 -6.86 3.86
C SER A 152 -26.23 -5.55 3.10
N LYS A 153 -25.29 -5.34 2.19
CA LYS A 153 -25.22 -4.13 1.39
C LYS A 153 -26.39 -4.08 0.40
N SER B 6 -20.65 -16.60 0.19
CA SER B 6 -19.77 -15.98 1.18
C SER B 6 -18.33 -15.73 0.65
N SER B 7 -18.21 -15.27 -0.61
CA SER B 7 -16.95 -14.88 -1.27
C SER B 7 -16.73 -13.38 -1.09
N ALA B 8 -17.82 -12.62 -0.96
CA ALA B 8 -17.75 -11.18 -0.75
C ALA B 8 -18.25 -10.85 0.67
N SER B 9 -17.82 -11.65 1.64
CA SER B 9 -18.24 -11.46 3.03
C SER B 9 -17.06 -11.30 3.96
N VAL B 10 -17.24 -10.54 5.03
CA VAL B 10 -16.21 -10.34 6.04
C VAL B 10 -16.83 -10.55 7.41
N VAL B 11 -16.02 -11.02 8.34
CA VAL B 11 -16.44 -11.13 9.73
C VAL B 11 -15.37 -10.41 10.56
N PHE B 12 -15.77 -9.36 11.30
CA PHE B 12 -14.91 -8.68 12.26
C PHE B 12 -15.13 -9.30 13.63
N MET B 13 -14.06 -9.47 14.42
CA MET B 13 -14.22 -9.97 15.79
C MET B 13 -13.97 -8.82 16.76
N ARG B 14 -14.95 -8.56 17.63
CA ARG B 14 -14.82 -7.52 18.66
C ARG B 14 -14.12 -8.11 19.88
N PHE B 15 -13.00 -7.53 20.33
CA PHE B 15 -12.29 -8.13 21.47
C PHE B 15 -12.97 -7.87 22.83
N ALA B 16 -13.71 -6.78 22.96
CA ALA B 16 -14.38 -6.47 24.24
C ALA B 16 -15.65 -7.30 24.40
N PRO B 17 -15.91 -7.88 25.61
CA PRO B 17 -17.18 -8.62 25.82
C PRO B 17 -18.43 -7.77 25.48
N PRO B 18 -19.55 -8.38 25.01
CA PRO B 18 -20.75 -7.60 24.62
C PRO B 18 -21.30 -6.57 25.61
N GLY B 19 -20.96 -6.67 26.89
CA GLY B 19 -21.43 -5.70 27.87
C GLY B 19 -20.51 -4.53 28.14
N GLU B 20 -19.36 -4.45 27.44
CA GLU B 20 -18.39 -3.38 27.70
C GLU B 20 -18.26 -2.35 26.58
N GLU B 21 -17.90 -1.11 26.95
CA GLU B 21 -17.69 0.01 26.04
C GLU B 21 -16.44 -0.24 25.20
N THR B 22 -16.54 -0.01 23.90
CA THR B 22 -15.39 -0.20 23.01
C THR B 22 -15.43 0.80 21.85
N ALA B 23 -14.58 0.57 20.85
CA ALA B 23 -14.55 1.46 19.70
C ALA B 23 -15.77 1.28 18.85
N LEU B 24 -16.07 2.32 18.06
CA LEU B 24 -17.09 2.21 17.03
C LEU B 24 -16.56 1.17 16.01
N PRO B 25 -17.47 0.33 15.48
CA PRO B 25 -17.04 -0.71 14.55
C PRO B 25 -16.58 -0.17 13.21
N PRO B 26 -15.74 -0.95 12.52
CA PRO B 26 -15.34 -0.56 11.17
C PRO B 26 -16.59 -0.41 10.31
N ARG B 27 -16.65 0.68 9.55
CA ARG B 27 -17.83 0.93 8.72
C ARG B 27 -17.46 1.74 7.50
N ARG B 28 -18.04 1.36 6.35
CA ARG B 28 -17.89 2.10 5.08
C ARG B 28 -18.85 3.28 5.15
N ALA B 29 -18.36 4.46 4.78
CA ALA B 29 -19.15 5.70 4.87
C ALA B 29 -20.29 5.81 3.87
N THR B 30 -20.10 5.28 2.66
CA THR B 30 -21.09 5.36 1.57
C THR B 30 -21.10 4.06 0.75
N PRO B 31 -22.14 3.85 -0.12
CA PRO B 31 -22.13 2.66 -1.00
C PRO B 31 -20.94 2.59 -1.96
N GLY B 32 -20.30 3.71 -2.26
CA GLY B 32 -19.14 3.70 -3.14
C GLY B 32 -17.81 3.78 -2.39
N SER B 33 -17.83 3.78 -1.05
CA SER B 33 -16.60 3.82 -0.26
C SER B 33 -15.94 2.46 -0.35
N VAL B 34 -14.65 2.43 -0.74
CA VAL B 34 -13.96 1.15 -0.92
C VAL B 34 -13.42 0.58 0.37
N ALA B 35 -13.28 1.42 1.41
CA ALA B 35 -12.63 1.00 2.66
C ALA B 35 -13.51 1.23 3.86
N TYR B 36 -13.25 0.45 4.92
CA TYR B 36 -13.97 0.57 6.20
C TYR B 36 -13.23 1.58 7.08
N ASP B 37 -13.93 2.60 7.57
CA ASP B 37 -13.28 3.55 8.45
C ASP B 37 -13.05 2.87 9.78
N LEU B 38 -11.84 3.03 10.34
CA LEU B 38 -11.44 2.43 11.61
C LEU B 38 -11.42 3.47 12.72
N PHE B 39 -11.84 3.05 13.91
CA PHE B 39 -11.92 3.93 15.06
C PHE B 39 -11.05 3.45 16.20
N PRO B 40 -10.62 4.38 17.08
CA PRO B 40 -9.79 3.97 18.21
C PRO B 40 -10.60 3.50 19.41
N SER B 41 -10.04 2.54 20.17
CA SER B 41 -10.71 2.07 21.40
C SER B 41 -10.09 2.74 22.64
N GLU B 42 -9.14 3.66 22.41
CA GLU B 42 -8.40 4.39 23.45
C GLU B 42 -8.14 5.82 22.98
N GLU B 43 -7.97 6.74 23.93
CA GLU B 43 -7.67 8.13 23.57
C GLU B 43 -6.25 8.47 23.92
N MET B 44 -5.66 9.42 23.17
CA MET B 44 -4.31 9.86 23.44
C MET B 44 -4.04 11.11 22.64
N ASP B 45 -2.90 11.76 22.93
CA ASP B 45 -2.45 12.89 22.13
C ASP B 45 -1.09 12.50 21.59
N ILE B 46 -0.95 12.47 20.26
CA ILE B 46 0.34 12.09 19.67
C ILE B 46 1.22 13.31 19.66
N GLU B 47 2.34 13.27 20.38
CA GLU B 47 3.25 14.41 20.43
C GLU B 47 3.78 14.81 19.04
N PRO B 48 4.27 16.06 18.87
CA PRO B 48 4.88 16.45 17.59
C PRO B 48 5.98 15.49 17.18
N MET B 49 5.99 15.10 15.91
CA MET B 49 6.95 14.14 15.31
C MET B 49 6.83 12.72 15.91
N GLY B 50 5.79 12.48 16.71
CA GLY B 50 5.60 11.18 17.35
C GLY B 50 4.99 10.11 16.47
N LEU B 51 5.01 8.87 17.00
CA LEU B 51 4.45 7.73 16.29
C LEU B 51 3.64 6.98 17.32
N ALA B 52 2.41 6.61 16.96
CA ALA B 52 1.55 5.88 17.91
C ALA B 52 1.07 4.59 17.30
N LYS B 53 0.83 3.59 18.15
CA LYS B 53 0.26 2.31 17.74
C LYS B 53 -1.08 2.27 18.48
N ILE B 54 -2.18 2.42 17.73
CA ILE B 54 -3.50 2.64 18.33
C ILE B 54 -4.40 1.43 18.17
N SER B 55 -4.96 0.95 19.28
CA SER B 55 -5.86 -0.18 19.22
C SER B 55 -7.19 0.24 18.62
N THR B 56 -7.77 -0.64 17.80
CA THR B 56 -9.05 -0.37 17.13
C THR B 56 -10.24 -1.09 17.78
N GLY B 57 -9.95 -2.09 18.60
CA GLY B 57 -10.97 -2.92 19.29
C GLY B 57 -11.44 -4.11 18.48
N TYR B 58 -10.95 -4.27 17.23
CA TYR B 58 -11.44 -5.36 16.39
C TYR B 58 -10.34 -6.08 15.67
N GLY B 59 -10.59 -7.36 15.40
CA GLY B 59 -9.75 -8.17 14.54
C GLY B 59 -10.57 -8.59 13.32
N ILE B 60 -9.93 -9.33 12.41
CA ILE B 60 -10.64 -9.86 11.24
C ILE B 60 -10.73 -11.36 11.45
N ASP B 61 -11.94 -11.87 11.71
CA ASP B 61 -12.12 -13.30 11.89
C ASP B 61 -12.12 -14.03 10.54
N LYS B 62 -12.76 -13.43 9.51
CA LYS B 62 -12.87 -14.02 8.18
C LYS B 62 -12.68 -12.95 7.13
N PHE B 63 -11.77 -13.19 6.18
CA PHE B 63 -11.51 -12.29 5.09
C PHE B 63 -12.33 -12.71 3.87
N PRO B 64 -12.64 -11.75 2.97
CA PRO B 64 -13.27 -12.14 1.69
C PRO B 64 -12.29 -13.00 0.90
N ASP B 65 -12.81 -13.97 0.15
CA ASP B 65 -12.00 -14.87 -0.66
C ASP B 65 -11.01 -14.13 -1.55
N GLY B 66 -9.76 -14.58 -1.53
CA GLY B 66 -8.68 -14.05 -2.35
C GLY B 66 -8.15 -12.68 -1.95
N CYS B 67 -8.61 -12.18 -0.80
CA CYS B 67 -8.22 -10.84 -0.30
C CYS B 67 -7.46 -10.89 0.99
N TYR B 68 -6.74 -9.79 1.25
CA TYR B 68 -6.14 -9.56 2.56
C TYR B 68 -6.59 -8.15 2.98
N GLY B 69 -6.22 -7.73 4.19
CA GLY B 69 -6.63 -6.39 4.64
C GLY B 69 -5.46 -5.45 4.63
N GLN B 70 -5.63 -4.27 4.00
CA GLN B 70 -4.58 -3.26 4.00
C GLN B 70 -5.12 -2.02 4.70
N ILE B 71 -4.44 -1.58 5.79
CA ILE B 71 -4.83 -0.36 6.47
C ILE B 71 -4.07 0.76 5.76
N VAL B 72 -4.83 1.78 5.35
CA VAL B 72 -4.26 2.95 4.68
C VAL B 72 -4.79 4.22 5.33
N SER B 73 -4.08 5.31 5.08
CA SER B 73 -4.56 6.60 5.60
C SER B 73 -5.86 7.09 4.96
N ARG B 74 -6.54 7.93 5.69
CA ARG B 74 -7.72 8.66 5.18
C ARG B 74 -7.25 10.06 4.77
N SER B 75 -7.87 10.64 3.74
CA SER B 75 -7.45 11.95 3.28
C SER B 75 -7.57 13.04 4.35
N GLY B 76 -8.71 13.10 5.06
CA GLY B 76 -8.92 14.12 6.08
C GLY B 76 -7.89 14.07 7.19
N MET B 77 -7.70 12.88 7.81
CA MET B 77 -6.73 12.72 8.91
C MET B 77 -5.34 13.13 8.42
N THR B 78 -4.98 12.75 7.19
CA THR B 78 -3.67 13.08 6.62
C THR B 78 -3.47 14.57 6.47
N TRP B 79 -4.43 15.24 5.80
CA TRP B 79 -4.34 16.63 5.43
C TRP B 79 -4.60 17.57 6.61
N LYS B 80 -5.72 17.37 7.32
CA LYS B 80 -6.08 18.25 8.42
C LYS B 80 -5.15 18.14 9.62
N ASN B 81 -4.64 16.91 9.90
CA ASN B 81 -3.79 16.70 11.07
C ASN B 81 -2.33 16.43 10.76
N ASN B 82 -1.92 16.54 9.46
CA ASN B 82 -0.52 16.39 9.05
C ASN B 82 0.04 15.06 9.52
N THR B 83 -0.62 13.96 9.15
CA THR B 83 -0.22 12.62 9.60
C THR B 83 0.00 11.71 8.39
N SER B 84 0.42 10.49 8.70
CA SER B 84 0.52 9.41 7.73
C SER B 84 0.26 8.09 8.47
N VAL B 85 0.00 7.03 7.71
CA VAL B 85 -0.23 5.69 8.26
C VAL B 85 0.85 4.85 7.54
N PRO B 86 2.06 4.77 8.16
CA PRO B 86 3.23 4.25 7.43
C PRO B 86 3.32 2.75 7.25
N THR B 87 2.36 1.98 7.79
CA THR B 87 2.34 0.53 7.59
C THR B 87 0.91 0.05 7.75
N GLY B 88 0.59 -1.13 7.24
CA GLY B 88 -0.79 -1.61 7.42
C GLY B 88 -1.16 -2.93 6.79
N THR B 89 -0.20 -3.83 6.61
CA THR B 89 -0.46 -5.09 5.94
C THR B 89 -0.95 -6.11 6.94
N ILE B 90 -2.21 -6.58 6.76
CA ILE B 90 -2.80 -7.55 7.67
C ILE B 90 -2.78 -8.95 7.00
N ASN B 91 -1.95 -9.86 7.55
CA ASN B 91 -1.86 -11.23 7.06
C ASN B 91 -3.17 -12.01 7.28
N VAL B 92 -3.45 -12.98 6.40
CA VAL B 92 -4.72 -13.71 6.44
C VAL B 92 -4.77 -14.76 7.56
N ASP B 93 -3.66 -14.99 8.25
CA ASP B 93 -3.66 -15.90 9.41
C ASP B 93 -3.58 -15.09 10.73
N TYR B 94 -3.71 -13.73 10.64
CA TYR B 94 -3.65 -12.90 11.84
C TYR B 94 -4.93 -12.97 12.64
N ARG B 95 -4.80 -13.40 13.91
CA ARG B 95 -5.94 -13.56 14.85
C ARG B 95 -5.95 -12.49 15.93
N GLY B 96 -5.05 -11.51 15.83
CA GLY B 96 -5.01 -10.46 16.82
C GLY B 96 -5.88 -9.25 16.50
N GLU B 97 -5.67 -8.20 17.26
CA GLU B 97 -6.42 -6.96 17.13
C GLU B 97 -5.73 -6.08 16.10
N LEU B 98 -6.52 -5.43 15.25
CA LEU B 98 -5.92 -4.51 14.28
C LEU B 98 -5.44 -3.28 15.07
N LYS B 99 -4.19 -2.87 14.79
CA LYS B 99 -3.63 -1.65 15.38
C LYS B 99 -3.33 -0.70 14.22
N VAL B 100 -3.66 0.57 14.42
CA VAL B 100 -3.29 1.58 13.42
C VAL B 100 -2.00 2.26 13.86
N ILE B 101 -0.98 2.29 12.98
CA ILE B 101 0.27 2.97 13.26
C ILE B 101 0.14 4.33 12.58
N LEU B 102 0.11 5.41 13.40
CA LEU B 102 -0.12 6.77 12.91
C LEU B 102 1.03 7.65 13.30
N ARG B 103 1.59 8.33 12.31
CA ARG B 103 2.73 9.25 12.51
C ARG B 103 2.27 10.68 12.43
N ASN B 104 2.78 11.50 13.36
CA ASN B 104 2.48 12.92 13.39
C ASN B 104 3.68 13.63 12.74
N HIS B 105 3.46 14.36 11.63
CA HIS B 105 4.54 15.07 10.94
C HIS B 105 4.67 16.54 11.34
N SER B 106 3.82 17.00 12.29
CA SER B 106 3.91 18.39 12.75
C SER B 106 5.07 18.53 13.72
N ALA B 107 5.82 19.63 13.61
CA ALA B 107 6.94 19.89 14.50
C ALA B 107 6.44 20.58 15.79
N GLU B 108 5.19 21.07 15.77
CA GLU B 108 4.67 21.86 16.89
C GLU B 108 3.36 21.40 17.51
N LYS B 109 2.46 20.81 16.70
CA LYS B 109 1.13 20.44 17.17
C LYS B 109 1.00 18.96 17.46
N SER B 110 0.22 18.63 18.50
CA SER B 110 -0.06 17.24 18.84
CA SER B 110 -0.07 17.25 18.84
C SER B 110 -1.33 16.82 18.10
N VAL B 111 -1.50 15.49 17.87
CA VAL B 111 -2.67 14.99 17.16
C VAL B 111 -3.60 14.36 18.19
N PRO B 112 -4.84 14.88 18.29
CA PRO B 112 -5.79 14.29 19.26
C PRO B 112 -6.43 13.03 18.71
N ILE B 113 -6.34 11.93 19.45
CA ILE B 113 -6.98 10.67 19.07
C ILE B 113 -8.16 10.53 20.03
N ARG B 114 -9.39 10.46 19.48
CA ARG B 114 -10.61 10.48 20.27
C ARG B 114 -11.57 9.44 19.79
N LYS B 115 -12.24 8.80 20.76
CA LYS B 115 -13.19 7.75 20.41
C LYS B 115 -14.24 8.39 19.57
N GLY B 116 -14.65 7.72 18.53
CA GLY B 116 -15.72 8.34 17.73
C GLY B 116 -15.22 9.15 16.54
N THR B 117 -13.88 9.37 16.47
CA THR B 117 -13.22 10.02 15.34
C THR B 117 -12.29 9.00 14.69
N SER B 118 -12.60 8.62 13.44
CA SER B 118 -11.85 7.58 12.70
C SER B 118 -10.46 8.01 12.30
N ILE B 119 -9.47 7.08 12.38
CA ILE B 119 -8.07 7.44 12.20
C ILE B 119 -7.39 6.86 10.96
N ALA B 120 -8.04 5.88 10.29
CA ALA B 120 -7.45 5.23 9.12
C ALA B 120 -8.61 4.43 8.49
N GLN B 121 -8.29 3.74 7.40
CA GLN B 121 -9.35 2.95 6.75
C GLN B 121 -8.76 1.63 6.26
N LEU B 122 -9.61 0.61 6.20
CA LEU B 122 -9.17 -0.74 5.86
C LEU B 122 -9.77 -1.17 4.51
N ILE B 123 -8.90 -1.56 3.58
CA ILE B 123 -9.36 -2.03 2.25
C ILE B 123 -9.08 -3.51 2.11
N PHE B 124 -10.02 -4.23 1.51
CA PHE B 124 -9.83 -5.65 1.22
C PHE B 124 -9.33 -5.74 -0.19
N LEU B 125 -8.02 -5.86 -0.34
CA LEU B 125 -7.38 -5.92 -1.67
C LEU B 125 -7.19 -7.33 -2.14
N ARG B 126 -7.29 -7.53 -3.47
CA ARG B 126 -7.06 -8.86 -4.05
C ARG B 126 -5.57 -9.04 -4.24
N TYR B 127 -5.05 -10.19 -3.83
CA TYR B 127 -3.63 -10.45 -3.98
C TYR B 127 -3.42 -11.88 -4.46
N CYS B 128 -2.17 -12.18 -4.89
CA CYS B 128 -1.87 -13.55 -5.29
C CYS B 128 -1.19 -14.27 -4.15
N ASP B 129 -1.83 -15.35 -3.67
CA ASP B 129 -1.22 -16.25 -2.70
C ASP B 129 -0.40 -17.22 -3.55
N VAL B 130 0.89 -16.90 -3.74
CA VAL B 130 1.81 -17.67 -4.61
C VAL B 130 1.90 -19.14 -4.21
N GLU B 131 1.76 -20.05 -5.20
CA GLU B 131 1.83 -21.50 -4.97
C GLU B 131 3.14 -22.12 -5.46
N GLU B 132 3.79 -21.49 -6.46
CA GLU B 132 5.05 -21.99 -7.03
C GLU B 132 6.04 -20.84 -7.18
N GLU B 133 7.30 -21.07 -6.77
CA GLU B 133 8.32 -20.04 -6.87
CA GLU B 133 8.33 -20.05 -6.82
C GLU B 133 9.66 -20.65 -7.29
N GLN B 134 10.43 -19.89 -8.06
CA GLN B 134 11.76 -20.26 -8.53
C GLN B 134 12.69 -19.06 -8.38
N ILE B 135 13.98 -19.32 -8.13
CA ILE B 135 15.02 -18.31 -8.10
C ILE B 135 15.98 -18.68 -9.23
N VAL B 136 16.24 -17.76 -10.16
CA VAL B 136 17.18 -18.03 -11.26
C VAL B 136 18.30 -17.00 -11.34
N TYR B 137 19.47 -17.40 -11.88
CA TYR B 137 20.56 -16.47 -12.16
C TYR B 137 20.63 -16.33 -13.68
N ILE B 138 20.52 -15.09 -14.19
CA ILE B 138 20.60 -14.83 -15.63
C ILE B 138 21.94 -14.17 -15.96
N ASN B 139 22.73 -14.78 -16.86
CA ASN B 139 24.02 -14.21 -17.29
C ASN B 139 23.71 -13.03 -18.25
N GLU B 140 24.06 -11.78 -17.85
CA GLU B 140 23.79 -10.57 -18.66
C GLU B 140 24.55 -10.52 -19.99
N THR B 141 25.70 -11.19 -20.08
CA THR B 141 26.48 -11.16 -21.31
C THR B 141 26.06 -12.25 -22.32
N THR B 142 25.85 -13.49 -21.84
CA THR B 142 25.52 -14.60 -22.75
C THR B 142 24.03 -14.90 -22.84
N GLY B 143 23.29 -14.59 -21.77
CA GLY B 143 21.87 -14.92 -21.70
C GLY B 143 21.57 -16.26 -21.03
N GLU B 144 22.60 -17.07 -20.69
CA GLU B 144 22.39 -18.38 -20.03
C GLU B 144 21.66 -18.21 -18.68
N ARG B 145 20.70 -19.12 -18.37
CA ARG B 145 19.90 -19.17 -17.13
C ARG B 145 20.28 -20.39 -16.28
N THR B 146 20.42 -20.18 -14.97
CA THR B 146 20.74 -21.23 -13.99
C THR B 146 19.69 -21.22 -12.90
N ILE B 147 19.01 -22.36 -12.68
CA ILE B 147 18.03 -22.44 -11.59
C ILE B 147 18.75 -22.59 -10.25
N ILE B 148 18.56 -21.64 -9.33
CA ILE B 148 19.21 -21.63 -8.02
C ILE B 148 18.39 -22.46 -7.02
N ASP B 149 17.08 -22.22 -6.98
CA ASP B 149 16.18 -22.88 -6.05
C ASP B 149 14.75 -22.87 -6.62
N SER B 150 13.93 -23.80 -6.14
CA SER B 150 12.54 -23.98 -6.56
C SER B 150 11.76 -24.43 -5.35
N SER B 151 10.56 -23.89 -5.12
CA SER B 151 9.73 -24.34 -4.02
C SER B 151 8.24 -24.23 -4.32
N SER B 152 7.49 -25.25 -3.88
CA SER B 152 6.05 -25.37 -3.99
C SER B 152 5.50 -25.18 -2.59
N LYS B 153 4.53 -24.26 -2.42
CA LYS B 153 3.92 -23.97 -1.13
C LYS B 153 3.25 -25.23 -0.55
N LYS B 154 3.60 -25.57 0.71
CA LYS B 154 3.08 -26.75 1.42
C LYS B 154 1.54 -26.79 1.42
N ASP B 155 0.95 -27.98 1.20
CA ASP B 155 -0.52 -28.14 1.16
C ASP B 155 -0.98 -29.42 1.89
N ASN B 156 -0.57 -29.53 3.17
CA ASN B 156 -0.88 -30.60 4.13
C ASN B 156 -0.70 -32.04 3.61
N LYS B 157 0.32 -32.26 2.76
CA LYS B 157 0.61 -33.61 2.24
C LYS B 157 1.47 -34.38 3.25
N ASN B 158 2.38 -33.67 3.95
CA ASN B 158 3.25 -34.34 4.92
C ASN B 158 3.11 -33.73 6.28
N GLN B 159 3.20 -34.56 7.31
CA GLN B 159 3.13 -34.10 8.69
C GLN B 159 4.41 -34.57 9.37
N ALA B 160 4.83 -33.84 10.42
CA ALA B 160 6.00 -34.20 11.21
C ALA B 160 5.87 -33.53 12.57
N GLU B 161 6.37 -34.21 13.62
CA GLU B 161 6.37 -33.71 15.00
C GLU B 161 7.15 -32.39 15.07
N SER B 162 6.57 -31.37 15.73
CA SER B 162 7.24 -30.08 15.87
C SER B 162 8.23 -30.12 17.04
N VAL B 163 9.38 -29.45 16.89
CA VAL B 163 10.45 -29.43 17.91
C VAL B 163 10.65 -27.99 18.37
N ARG B 164 10.79 -27.76 19.71
CA ARG B 164 10.96 -26.42 20.31
C ARG B 164 12.20 -25.67 19.79
N GLY B 165 12.15 -24.33 19.84
CA GLY B 165 13.24 -23.45 19.46
C GLY B 165 14.02 -22.96 20.67
N THR B 166 14.75 -21.83 20.54
CA THR B 166 15.53 -21.25 21.66
C THR B 166 14.62 -20.45 22.59
N ASP C 5 -1.91 -21.92 -14.13
CA ASP C 5 -0.68 -22.30 -14.83
C ASP C 5 0.49 -21.45 -14.32
N SER C 6 0.55 -20.17 -14.74
CA SER C 6 1.48 -19.13 -14.29
C SER C 6 0.61 -18.18 -13.46
N SER C 7 -0.63 -18.63 -13.18
CA SER C 7 -1.63 -17.92 -12.41
C SER C 7 -1.19 -17.72 -10.97
N ALA C 8 -0.39 -18.63 -10.41
CA ALA C 8 0.05 -18.40 -9.02
C ALA C 8 1.53 -18.75 -8.86
N SER C 9 2.34 -18.39 -9.88
CA SER C 9 3.76 -18.66 -9.84
C SER C 9 4.60 -17.40 -10.04
N VAL C 10 5.76 -17.38 -9.42
CA VAL C 10 6.68 -16.25 -9.53
C VAL C 10 8.06 -16.79 -9.78
N VAL C 11 8.87 -16.00 -10.48
CA VAL C 11 10.28 -16.34 -10.66
C VAL C 11 11.06 -15.11 -10.23
N PHE C 12 11.93 -15.27 -9.22
CA PHE C 12 12.84 -14.21 -8.81
C PHE C 12 14.18 -14.43 -9.53
N MET C 13 14.84 -13.34 -9.92
CA MET C 13 16.19 -13.44 -10.52
C MET C 13 17.22 -12.92 -9.51
N ARG C 14 18.21 -13.76 -9.20
CA ARG C 14 19.25 -13.39 -8.26
C ARG C 14 20.39 -12.75 -9.05
N PHE C 15 20.83 -11.54 -8.65
CA PHE C 15 21.89 -10.86 -9.42
C PHE C 15 23.28 -11.40 -9.10
N ALA C 16 23.50 -12.00 -7.92
CA ALA C 16 24.81 -12.54 -7.59
C ALA C 16 25.04 -13.91 -8.25
N PRO C 17 26.25 -14.16 -8.83
CA PRO C 17 26.53 -15.50 -9.40
C PRO C 17 26.36 -16.62 -8.36
N PRO C 18 25.96 -17.86 -8.78
CA PRO C 18 25.76 -18.97 -7.81
C PRO C 18 26.91 -19.23 -6.82
N THR C 22 24.46 -12.79 -2.07
CA THR C 22 24.78 -11.51 -1.42
C THR C 22 23.66 -11.05 -0.47
N ALA C 23 22.45 -11.65 -0.55
CA ALA C 23 21.31 -11.34 0.30
C ALA C 23 20.45 -12.56 0.42
N LEU C 24 19.78 -12.70 1.57
CA LEU C 24 18.84 -13.78 1.79
C LEU C 24 17.66 -13.58 0.80
N PRO C 25 17.09 -14.69 0.31
CA PRO C 25 16.04 -14.57 -0.71
C PRO C 25 14.72 -14.07 -0.16
N PRO C 26 13.88 -13.49 -1.02
CA PRO C 26 12.54 -13.05 -0.58
C PRO C 26 11.83 -14.28 -0.04
N ARG C 27 11.17 -14.13 1.12
CA ARG C 27 10.52 -15.28 1.73
C ARG C 27 9.33 -14.88 2.57
N ARG C 28 8.23 -15.63 2.41
CA ARG C 28 7.03 -15.41 3.22
C ARG C 28 7.27 -16.09 4.55
N ALA C 29 6.98 -15.40 5.67
CA ALA C 29 7.27 -15.94 7.00
C ALA C 29 6.42 -17.12 7.41
N THR C 30 5.14 -17.12 7.02
CA THR C 30 4.17 -18.17 7.40
C THR C 30 3.24 -18.49 6.22
N PRO C 31 2.45 -19.59 6.28
CA PRO C 31 1.50 -19.87 5.18
C PRO C 31 0.46 -18.77 4.97
N GLY C 32 0.15 -17.99 6.02
CA GLY C 32 -0.82 -16.90 5.93
C GLY C 32 -0.21 -15.53 5.67
N SER C 33 1.12 -15.46 5.57
CA SER C 33 1.81 -14.19 5.24
C SER C 33 1.53 -13.84 3.77
N VAL C 34 0.99 -12.65 3.52
CA VAL C 34 0.64 -12.24 2.16
C VAL C 34 1.82 -11.70 1.36
N ALA C 35 2.91 -11.30 2.04
CA ALA C 35 4.03 -10.67 1.35
C ALA C 35 5.33 -11.42 1.60
N TYR C 36 6.28 -11.23 0.66
CA TYR C 36 7.62 -11.81 0.79
C TYR C 36 8.50 -10.80 1.52
N ASP C 37 9.08 -11.21 2.66
CA ASP C 37 10.04 -10.34 3.35
C ASP C 37 11.27 -10.16 2.43
N LEU C 38 11.75 -8.92 2.29
CA LEU C 38 12.93 -8.58 1.45
C LEU C 38 14.10 -8.29 2.37
N PHE C 39 15.31 -8.68 1.94
CA PHE C 39 16.50 -8.52 2.76
C PHE C 39 17.54 -7.69 2.04
N PRO C 40 18.40 -6.99 2.80
CA PRO C 40 19.41 -6.15 2.14
C PRO C 40 20.59 -6.95 1.63
N SER C 41 21.18 -6.48 0.51
CA SER C 41 22.40 -7.11 -0.03
C SER C 41 23.63 -6.28 0.36
N GLU C 42 23.40 -5.25 1.17
CA GLU C 42 24.44 -4.32 1.63
C GLU C 42 24.05 -3.82 3.02
N GLU C 43 25.06 -3.41 3.78
CA GLU C 43 24.81 -2.87 5.11
C GLU C 43 25.03 -1.39 5.11
N MET C 44 24.34 -0.68 6.00
CA MET C 44 24.55 0.75 6.15
C MET C 44 23.88 1.21 7.44
N ASP C 45 24.18 2.43 7.86
CA ASP C 45 23.49 3.08 8.96
C ASP C 45 22.78 4.30 8.36
N ILE C 46 21.45 4.33 8.45
CA ILE C 46 20.70 5.45 7.87
C ILE C 46 20.72 6.56 8.89
N GLU C 47 21.39 7.67 8.55
CA GLU C 47 21.48 8.80 9.48
C GLU C 47 20.08 9.36 9.84
N PRO C 48 19.98 10.10 10.97
CA PRO C 48 18.70 10.72 11.34
C PRO C 48 18.13 11.55 10.19
N MET C 49 16.83 11.38 9.94
CA MET C 49 16.07 12.05 8.88
C MET C 49 16.55 11.66 7.48
N GLY C 50 17.39 10.62 7.39
CA GLY C 50 17.92 10.16 6.11
C GLY C 50 16.96 9.34 5.27
N LEU C 51 17.31 9.18 4.00
CA LEU C 51 16.54 8.38 3.06
C LEU C 51 17.56 7.49 2.37
N ALA C 52 17.32 6.17 2.40
CA ALA C 52 18.24 5.22 1.78
C ALA C 52 17.60 4.46 0.66
N LYS C 53 18.40 4.09 -0.33
CA LYS C 53 17.95 3.24 -1.45
C LYS C 53 18.79 1.99 -1.29
N ILE C 54 18.16 0.89 -0.85
CA ILE C 54 18.86 -0.32 -0.45
C ILE C 54 18.67 -1.43 -1.44
N SER C 55 19.79 -2.00 -1.95
CA SER C 55 19.68 -3.14 -2.86
C SER C 55 19.25 -4.40 -2.11
N THR C 56 18.40 -5.24 -2.74
CA THR C 56 17.87 -6.50 -2.17
C THR C 56 18.55 -7.74 -2.72
N GLY C 57 19.24 -7.58 -3.85
CA GLY C 57 19.94 -8.68 -4.51
C GLY C 57 19.12 -9.48 -5.51
N TYR C 58 17.84 -9.14 -5.66
CA TYR C 58 16.92 -9.88 -6.52
C TYR C 58 16.04 -8.97 -7.34
N GLY C 59 15.64 -9.48 -8.50
CA GLY C 59 14.66 -8.86 -9.38
C GLY C 59 13.50 -9.83 -9.54
N ILE C 60 12.49 -9.44 -10.31
CA ILE C 60 11.37 -10.32 -10.58
C ILE C 60 11.43 -10.67 -12.06
N ASP C 61 11.78 -11.91 -12.39
CA ASP C 61 11.85 -12.35 -13.78
C ASP C 61 10.44 -12.60 -14.36
N LYS C 62 9.53 -13.15 -13.53
CA LYS C 62 8.16 -13.48 -13.94
C LYS C 62 7.20 -13.18 -12.81
N PHE C 63 6.17 -12.41 -13.12
CA PHE C 63 5.13 -12.07 -12.16
C PHE C 63 3.95 -13.02 -12.30
N PRO C 64 3.17 -13.24 -11.21
CA PRO C 64 1.94 -14.04 -11.34
C PRO C 64 0.99 -13.30 -12.29
N ASP C 65 0.18 -14.03 -13.03
CA ASP C 65 -0.76 -13.44 -13.99
C ASP C 65 -1.63 -12.36 -13.38
N GLY C 66 -1.72 -11.23 -14.06
CA GLY C 66 -2.58 -10.13 -13.66
C GLY C 66 -2.12 -9.37 -12.41
N CYS C 67 -0.88 -9.61 -11.96
CA CYS C 67 -0.33 -8.96 -10.77
C CYS C 67 0.88 -8.15 -11.08
N TYR C 68 1.16 -7.22 -10.17
CA TYR C 68 2.43 -6.48 -10.19
C TYR C 68 2.99 -6.59 -8.78
N GLY C 69 4.19 -6.08 -8.57
CA GLY C 69 4.79 -6.15 -7.23
C GLY C 69 4.74 -4.81 -6.55
N GLN C 70 4.25 -4.77 -5.32
CA GLN C 70 4.24 -3.57 -4.52
C GLN C 70 5.08 -3.79 -3.29
N ILE C 71 6.13 -2.95 -3.13
CA ILE C 71 6.94 -3.04 -1.91
C ILE C 71 6.28 -2.13 -0.87
N VAL C 72 6.02 -2.68 0.30
CA VAL C 72 5.41 -1.92 1.40
C VAL C 72 6.26 -2.16 2.69
N SER C 73 6.03 -1.33 3.67
CA SER C 73 6.72 -1.46 4.94
C SER C 73 6.22 -2.68 5.74
N ARG C 74 7.12 -3.17 6.61
CA ARG C 74 6.81 -4.19 7.61
C ARG C 74 6.45 -3.41 8.91
N SER C 75 5.54 -3.98 9.72
CA SER C 75 5.15 -3.31 10.95
C SER C 75 6.33 -3.12 11.92
N GLY C 76 7.11 -4.17 12.14
CA GLY C 76 8.23 -4.08 13.08
C GLY C 76 9.24 -3.00 12.70
N MET C 77 9.71 -3.03 11.45
CA MET C 77 10.71 -2.05 10.98
C MET C 77 10.17 -0.63 11.15
N THR C 78 8.86 -0.45 10.85
CA THR C 78 8.23 0.87 10.96
C THR C 78 8.19 1.36 12.39
N TRP C 79 7.65 0.51 13.29
CA TRP C 79 7.41 0.85 14.68
C TRP C 79 8.71 0.89 15.51
N LYS C 80 9.49 -0.18 15.46
CA LYS C 80 10.71 -0.28 16.26
C LYS C 80 11.79 0.68 15.84
N ASN C 81 11.89 0.94 14.52
CA ASN C 81 12.97 1.83 14.01
C ASN C 81 12.49 3.18 13.52
N ASN C 82 11.17 3.49 13.70
CA ASN C 82 10.65 4.81 13.31
C ASN C 82 10.97 5.11 11.83
N THR C 83 10.52 4.21 10.94
CA THR C 83 10.83 4.32 9.52
C THR C 83 9.53 4.27 8.71
N SER C 84 9.68 4.42 7.40
CA SER C 84 8.61 4.21 6.43
C SER C 84 9.24 3.75 5.12
N VAL C 85 8.40 3.24 4.19
CA VAL C 85 8.86 2.79 2.87
C VAL C 85 7.98 3.63 1.92
N PRO C 86 8.47 4.82 1.55
CA PRO C 86 7.60 5.81 0.90
C PRO C 86 7.26 5.58 -0.56
N THR C 87 7.83 4.54 -1.19
CA THR C 87 7.51 4.22 -2.58
C THR C 87 7.75 2.73 -2.77
N GLY C 88 7.17 2.16 -3.80
CA GLY C 88 7.43 0.73 -4.01
C GLY C 88 6.72 0.07 -5.16
N THR C 89 6.35 0.83 -6.21
CA THR C 89 5.61 0.22 -7.31
C THR C 89 6.57 -0.39 -8.32
N ILE C 90 6.47 -1.71 -8.50
CA ILE C 90 7.33 -2.43 -9.43
C ILE C 90 6.56 -2.74 -10.71
N ASN C 91 6.92 -2.04 -11.79
CA ASN C 91 6.27 -2.27 -13.09
C ASN C 91 6.56 -3.68 -13.65
N VAL C 92 5.63 -4.22 -14.43
CA VAL C 92 5.75 -5.59 -14.92
C VAL C 92 6.76 -5.75 -16.05
N ASP C 93 7.32 -4.63 -16.57
CA ASP C 93 8.37 -4.69 -17.57
C ASP C 93 9.74 -4.38 -16.94
N TYR C 94 9.81 -4.30 -15.59
CA TYR C 94 11.05 -4.00 -14.90
C TYR C 94 11.94 -5.21 -14.83
N ARG C 95 13.15 -5.09 -15.40
CA ARG C 95 14.13 -6.16 -15.45
C ARG C 95 15.32 -5.91 -14.49
N GLY C 96 15.23 -4.88 -13.68
CA GLY C 96 16.31 -4.55 -12.77
C GLY C 96 16.18 -5.19 -11.40
N GLU C 97 17.12 -4.84 -10.52
CA GLU C 97 17.11 -5.33 -9.15
C GLU C 97 16.13 -4.50 -8.35
N LEU C 98 15.40 -5.13 -7.43
CA LEU C 98 14.47 -4.41 -6.56
C LEU C 98 15.30 -3.62 -5.55
N LYS C 99 14.94 -2.35 -5.34
CA LYS C 99 15.59 -1.49 -4.35
C LYS C 99 14.49 -1.10 -3.37
N VAL C 100 14.83 -1.11 -2.09
CA VAL C 100 13.89 -0.66 -1.05
C VAL C 100 14.27 0.77 -0.68
N ILE C 101 13.30 1.69 -0.78
CA ILE C 101 13.54 3.06 -0.38
C ILE C 101 13.00 3.20 1.06
N LEU C 102 13.92 3.42 2.04
CA LEU C 102 13.55 3.42 3.47
C LEU C 102 13.93 4.75 4.07
N ARG C 103 12.94 5.40 4.71
CA ARG C 103 13.13 6.70 5.34
C ARG C 103 13.24 6.56 6.83
N ASN C 104 14.21 7.27 7.43
CA ASN C 104 14.38 7.32 8.88
C ASN C 104 13.69 8.60 9.35
N HIS C 105 12.69 8.46 10.26
CA HIS C 105 11.96 9.62 10.77
C HIS C 105 12.49 10.15 12.11
N SER C 106 13.54 9.53 12.66
CA SER C 106 14.12 9.95 13.92
C SER C 106 15.02 11.16 13.71
N ALA C 107 14.95 12.13 14.65
CA ALA C 107 15.78 13.32 14.56
C ALA C 107 17.16 13.06 15.19
N GLU C 108 17.29 11.96 15.95
CA GLU C 108 18.53 11.67 16.68
C GLU C 108 19.16 10.31 16.47
N LYS C 109 18.35 9.29 16.18
CA LYS C 109 18.86 7.92 16.06
C LYS C 109 19.03 7.48 14.63
N SER C 110 20.09 6.71 14.38
CA SER C 110 20.35 6.14 13.05
CA SER C 110 20.34 6.13 13.06
C SER C 110 19.68 4.78 12.98
N VAL C 111 19.41 4.30 11.76
CA VAL C 111 18.77 2.99 11.57
C VAL C 111 19.82 2.01 11.07
N PRO C 112 20.14 0.94 11.84
CA PRO C 112 21.12 -0.04 11.32
C PRO C 112 20.50 -1.00 10.32
N ILE C 113 21.06 -1.08 9.12
CA ILE C 113 20.59 -1.97 8.06
C ILE C 113 21.62 -3.10 8.04
N ARG C 114 21.16 -4.34 8.30
CA ARG C 114 22.08 -5.49 8.41
C ARG C 114 21.48 -6.64 7.63
N LYS C 115 22.36 -7.43 7.02
CA LYS C 115 21.91 -8.51 6.13
C LYS C 115 20.91 -9.52 6.72
N GLY C 116 20.98 -9.83 8.00
CA GLY C 116 20.04 -10.82 8.55
C GLY C 116 18.60 -10.40 8.78
N THR C 117 18.28 -9.07 8.69
CA THR C 117 16.99 -8.50 9.04
C THR C 117 16.26 -8.00 7.82
N SER C 118 14.99 -8.40 7.69
CA SER C 118 14.19 -7.92 6.56
C SER C 118 13.76 -6.46 6.74
N ILE C 119 13.84 -5.68 5.67
CA ILE C 119 13.62 -4.25 5.74
C ILE C 119 12.29 -3.78 5.17
N ALA C 120 11.59 -4.67 4.43
CA ALA C 120 10.30 -4.31 3.80
C ALA C 120 9.72 -5.61 3.30
N GLN C 121 8.58 -5.53 2.64
CA GLN C 121 7.95 -6.75 2.14
C GLN C 121 7.25 -6.50 0.81
N LEU C 122 7.19 -7.53 -0.03
CA LEU C 122 6.70 -7.42 -1.39
C LEU C 122 5.39 -8.19 -1.53
N ILE C 123 4.36 -7.50 -1.99
CA ILE C 123 3.04 -8.13 -2.20
C ILE C 123 2.75 -8.16 -3.69
N PHE C 124 2.20 -9.29 -4.16
CA PHE C 124 1.78 -9.38 -5.55
C PHE C 124 0.30 -9.02 -5.57
N LEU C 125 0.02 -7.77 -5.93
CA LEU C 125 -1.33 -7.24 -5.97
C LEU C 125 -1.96 -7.40 -7.33
N ARG C 126 -3.27 -7.65 -7.37
CA ARG C 126 -3.98 -7.74 -8.63
C ARG C 126 -4.36 -6.34 -9.09
N TYR C 127 -4.06 -6.04 -10.34
CA TYR C 127 -4.40 -4.73 -10.88
C TYR C 127 -5.02 -4.88 -12.25
N CYS C 128 -5.63 -3.81 -12.74
CA CYS C 128 -6.18 -3.79 -14.08
C CYS C 128 -5.17 -3.18 -15.03
N ASP C 129 -4.75 -3.96 -16.03
CA ASP C 129 -3.92 -3.48 -17.12
C ASP C 129 -4.96 -2.95 -18.14
N VAL C 130 -5.24 -1.63 -18.06
CA VAL C 130 -6.25 -0.97 -18.88
C VAL C 130 -5.98 -1.16 -20.38
N GLU C 131 -7.03 -1.57 -21.13
CA GLU C 131 -6.91 -1.79 -22.56
C GLU C 131 -7.58 -0.69 -23.38
N GLU C 132 -8.57 0.01 -22.81
CA GLU C 132 -9.31 1.08 -23.49
C GLU C 132 -9.44 2.27 -22.55
N GLU C 133 -9.10 3.46 -23.05
CA GLU C 133 -9.19 4.67 -22.23
C GLU C 133 -9.73 5.82 -23.04
N GLN C 134 -10.50 6.67 -22.36
CA GLN C 134 -11.10 7.85 -22.94
C GLN C 134 -10.94 9.01 -21.97
N ILE C 135 -10.82 10.22 -22.52
CA ILE C 135 -10.81 11.47 -21.76
C ILE C 135 -12.06 12.21 -22.23
N VAL C 136 -12.95 12.57 -21.29
CA VAL C 136 -14.17 13.28 -21.63
C VAL C 136 -14.29 14.60 -20.87
N TYR C 137 -15.01 15.56 -21.45
CA TYR C 137 -15.33 16.80 -20.74
C TYR C 137 -16.87 16.74 -20.52
N ILE C 138 -17.30 16.87 -19.24
CA ILE C 138 -18.72 16.82 -18.89
C ILE C 138 -19.17 18.24 -18.54
N ARG C 145 -21.66 15.48 -22.93
CA ARG C 145 -20.32 14.88 -22.82
C ARG C 145 -19.60 15.07 -24.15
N THR C 146 -18.34 15.50 -24.09
CA THR C 146 -17.50 15.71 -25.27
C THR C 146 -16.27 14.79 -25.13
N ILE C 147 -16.05 13.91 -26.11
CA ILE C 147 -14.88 13.04 -26.07
C ILE C 147 -13.67 13.88 -26.52
N ILE C 148 -12.67 14.03 -25.65
CA ILE C 148 -11.45 14.79 -25.91
C ILE C 148 -10.42 13.91 -26.63
N ASP C 149 -10.22 12.69 -26.11
CA ASP C 149 -9.27 11.73 -26.65
C ASP C 149 -9.72 10.32 -26.31
N SER C 150 -9.28 9.36 -27.12
CA SER C 150 -9.61 7.96 -26.97
C SER C 150 -8.37 7.16 -27.40
N SER C 151 -7.99 6.13 -26.64
CA SER C 151 -6.85 5.30 -27.03
C SER C 151 -7.02 3.86 -26.59
N SER C 152 -6.61 2.95 -27.47
CA SER C 152 -6.63 1.50 -27.27
C SER C 152 -5.17 1.09 -27.15
N LYS C 153 -4.85 0.36 -26.09
CA LYS C 153 -3.48 -0.09 -25.83
C LYS C 153 -2.95 -1.00 -26.95
N1 DUT D . -9.03 11.99 -2.61
C2 DUT D . -8.20 12.68 -3.48
N3 DUT D . -6.85 12.46 -3.29
C4 DUT D . -6.26 11.63 -2.34
C5 DUT D . -7.19 10.93 -1.50
C6 DUT D . -8.52 11.12 -1.66
O2 DUT D . -8.61 13.37 -4.40
O4 DUT D . -5.04 11.54 -2.29
C1' DUT D . -10.49 12.17 -2.76
C2' DUT D . -11.16 11.01 -3.48
C3' DUT D . -11.71 10.17 -2.34
C4' DUT D . -12.09 11.24 -1.32
O4' DUT D . -11.06 12.24 -1.45
O3' DUT D . -12.86 9.40 -2.73
C5' DUT D . -12.18 10.80 0.12
O5' DUT D . -10.97 10.08 0.49
PA DUT D . -10.93 9.34 1.92
O1A DUT D . -12.10 8.44 2.04
O2A DUT D . -9.53 8.76 2.08
O3A DUT D . -11.01 10.59 2.90
PB DUT D . -11.98 11.01 4.08
O1B DUT D . -12.81 9.85 4.48
O2B DUT D . -11.21 11.67 5.16
O3B DUT D . -12.86 12.07 3.35
PG DUT D . -14.26 12.79 3.61
O1G DUT D . -15.09 12.03 2.61
O2G DUT D . -14.08 14.27 3.35
O3G DUT D . -14.76 12.46 5.04
MG MG E . 7.10 5.46 -13.60
MG MG F . -13.63 8.24 3.48
N1 DUT G . -0.54 -5.35 11.94
C2 DUT G . -1.41 -4.44 12.52
N3 DUT G . -1.36 -3.16 12.02
C4 DUT G . -0.55 -2.71 11.00
C5 DUT G . 0.32 -3.71 10.42
C6 DUT G . 0.29 -4.96 10.89
O2 DUT G . -2.23 -4.77 13.40
O4 DUT G . -0.61 -1.54 10.65
C1' DUT G . -0.55 -6.74 12.43
C2' DUT G . -1.31 -7.70 11.51
C3' DUT G . -0.18 -8.30 10.68
C4' DUT G . 0.94 -8.39 11.70
O4' DUT G . 0.80 -7.20 12.50
O3' DUT G . -0.55 -9.58 10.17
C5' DUT G . 2.33 -8.48 11.13
O5' DUT G . 2.54 -7.40 10.20
PA DUT G . 3.90 -7.37 9.33
O1A DUT G . 4.11 -8.69 8.65
O2A DUT G . 3.89 -6.10 8.53
O3A DUT G . 4.96 -7.20 10.50
PB DUT G . 6.32 -7.89 10.90
O1B DUT G . 6.75 -8.86 9.86
O2B DUT G . 7.30 -6.88 11.34
O3B DUT G . 5.76 -8.65 12.17
PG DUT G . 5.95 -9.99 13.00
O1G DUT G . 4.76 -10.88 12.71
O2G DUT G . 7.30 -10.67 12.59
O3G DUT G . 5.96 -9.57 14.48
MG MG H . 5.67 -10.04 8.59
N1 DUT I . 11.56 0.56 -8.20
C2 DUT I . 12.32 -0.07 -7.22
N3 DUT I . 11.94 0.20 -5.92
C4 DUT I . 10.87 0.99 -5.51
C5 DUT I . 10.10 1.57 -6.58
C6 DUT I . 10.46 1.34 -7.87
O2 DUT I . 13.22 -0.86 -7.47
O4 DUT I . 10.61 1.11 -4.32
C1' DUT I . 11.91 0.32 -9.60
C2' DUT I . 11.00 -0.68 -10.30
C3' DUT I . 10.00 0.21 -11.03
C4' DUT I . 10.90 1.39 -11.42
O4' DUT I . 11.79 1.56 -10.30
O3' DUT I . 9.45 -0.41 -12.19
C5' DUT I . 10.16 2.67 -11.70
O5' DUT I . 9.27 3.01 -10.60
PA DUT I . 8.28 4.27 -10.76
O1A DUT I . 7.49 4.13 -12.04
O2A DUT I . 7.57 4.42 -9.47
O3A DUT I . 9.29 5.47 -10.89
PB DUT I . 9.55 6.62 -11.95
O1B DUT I . 8.27 6.83 -12.76
O2B DUT I . 10.13 7.78 -11.27
O3B DUT I . 10.59 5.90 -12.92
PG DUT I . 10.47 5.40 -14.43
O1G DUT I . 8.96 4.80 -14.59
O2G DUT I . 10.79 6.69 -15.18
O3G DUT I . 11.43 4.31 -14.66
H3' DUT I . 9.19 0.51 -10.36
#